data_4RIO
#
_entry.id   4RIO
#
_cell.length_a   47.540
_cell.length_b   75.440
_cell.length_c   87.980
_cell.angle_alpha   90.00
_cell.angle_beta   90.00
_cell.angle_gamma   90.00
#
_symmetry.space_group_name_H-M   'P 21 21 21'
#
loop_
_entity.id
_entity.type
_entity.pdbx_description
1 polymer 'Tyrosine-protein kinase JAK3'
2 non-polymer 4-{[(1R,2S)-2-fluoro-2-methylcyclopentyl]amino}pyrrolo[1,2-b]pyridazine-3-carboxamide
3 water water
#
_entity_poly.entity_id   1
_entity_poly.type   'polypeptide(L)'
_entity_poly.pdbx_seq_one_letter_code
;GPASQDPTIFEERHLKYISQLGKGNFGSVELCRYDPLGDNTGALVAVKQLQHSGPDQQRDFQREIQILKALHSDFIVKYR
GVSYGPGRQSLRLVMEYLPSGCLRDFLQRHRARLDASRLLLYSSQICKGMEYLGSRRCVHRDLAARNILVESEAHVKIAD
FGLAKLLPLDKDYYVVREPGQSPIFWYAPESLSDNIFSRQSDVWSFGVVLYELFTYCDKSCSPSAEFLRMMGSERDVPAL
SRLLELLEEGQRLPAPPACPAEVHELMKLCWAPSPQDRPSFSALGPQLDMLWS
;
_entity_poly.pdbx_strand_id   A
#
loop_
_chem_comp.id
_chem_comp.type
_chem_comp.name
_chem_comp.formula
3QX non-polymer 4-{[(1R,2S)-2-fluoro-2-methylcyclopentyl]amino}pyrrolo[1,2-b]pyridazine-3-carboxamide 'C14 H17 F N4 O'
#
# COMPACT_ATOMS: atom_id res chain seq x y z
N THR A 8 -12.24 20.21 8.34
CA THR A 8 -12.59 19.80 6.98
C THR A 8 -11.99 20.82 5.95
N ILE A 9 -11.67 22.04 6.42
CA ILE A 9 -11.01 23.09 5.64
C ILE A 9 -9.96 23.67 6.60
N PHE A 10 -8.70 23.47 6.25
CA PHE A 10 -7.56 23.89 7.07
C PHE A 10 -6.87 25.09 6.44
N GLU A 11 -6.80 26.19 7.20
CA GLU A 11 -6.11 27.40 6.73
C GLU A 11 -4.60 27.15 6.71
N GLU A 12 -3.99 27.40 5.56
CA GLU A 12 -2.55 27.20 5.35
C GLU A 12 -1.70 27.93 6.39
N ARG A 13 -2.08 29.16 6.76
CA ARG A 13 -1.36 29.92 7.78
C ARG A 13 -1.30 29.18 9.14
N HIS A 14 -2.27 28.30 9.45
CA HIS A 14 -2.36 27.52 10.68
C HIS A 14 -1.66 26.15 10.60
N LEU A 15 -1.11 25.81 9.42
CA LEU A 15 -0.42 24.53 9.24
C LEU A 15 1.09 24.67 9.37
N LYS A 16 1.60 24.49 10.62
CA LYS A 16 3.03 24.61 10.95
C LYS A 16 3.84 23.37 10.61
N TYR A 17 4.75 23.49 9.62
CA TYR A 17 5.62 22.42 9.12
C TYR A 17 6.59 21.89 10.20
N ILE A 18 6.74 20.56 10.32
CA ILE A 18 7.65 19.94 11.29
C ILE A 18 8.80 19.16 10.59
N SER A 19 8.46 18.25 9.64
CA SER A 19 9.41 17.37 8.95
C SER A 19 8.74 16.64 7.79
N GLN A 20 9.53 15.93 6.97
CA GLN A 20 9.05 15.11 5.85
C GLN A 20 8.76 13.69 6.36
N LEU A 21 7.59 13.16 6.05
CA LEU A 21 7.22 11.81 6.46
C LEU A 21 7.56 10.78 5.37
N GLY A 22 7.29 11.13 4.12
CA GLY A 22 7.57 10.25 3.01
C GLY A 22 7.77 11.00 1.71
N LYS A 23 8.33 10.31 0.70
CA LYS A 23 8.61 10.90 -0.60
C LYS A 23 8.07 10.07 -1.78
N GLY A 24 6.74 10.07 -1.93
CA GLY A 24 6.07 9.46 -3.08
C GLY A 24 6.37 10.35 -4.26
N ASN A 25 6.67 9.78 -5.44
CA ASN A 25 7.06 10.67 -6.53
C ASN A 25 5.88 11.52 -7.04
N PHE A 26 6.20 12.75 -7.50
CA PHE A 26 5.30 13.82 -7.97
C PHE A 26 4.71 14.64 -6.78
N GLY A 27 4.95 14.17 -5.54
CA GLY A 27 4.44 14.79 -4.33
C GLY A 27 4.71 14.07 -3.02
N SER A 28 5.17 14.81 -2.01
CA SER A 28 5.51 14.27 -0.69
C SER A 28 4.38 14.37 0.36
N VAL A 29 4.60 13.73 1.52
CA VAL A 29 3.73 13.76 2.70
C VAL A 29 4.55 14.34 3.86
N GLU A 30 4.07 15.42 4.47
CA GLU A 30 4.77 16.10 5.57
C GLU A 30 4.00 16.02 6.87
N LEU A 31 4.73 16.05 8.00
CA LEU A 31 4.14 16.17 9.32
C LEU A 31 4.08 17.66 9.60
N CYS A 32 2.85 18.15 9.84
CA CYS A 32 2.46 19.51 10.21
C CYS A 32 1.65 19.41 11.48
N ARG A 33 1.57 20.54 12.22
CA ARG A 33 0.69 20.66 13.35
C ARG A 33 -0.37 21.65 12.96
N TYR A 34 -1.68 21.30 13.17
CA TYR A 34 -2.76 22.26 12.93
C TYR A 34 -2.84 23.12 14.17
N ASP A 35 -2.17 24.28 14.10
CA ASP A 35 -2.02 25.22 15.19
C ASP A 35 -2.72 26.56 14.88
N PRO A 36 -4.09 26.66 15.03
CA PRO A 36 -4.75 27.94 14.77
C PRO A 36 -4.52 28.97 15.88
N LEU A 37 -4.20 28.48 17.11
CA LEU A 37 -3.94 29.33 18.27
C LEU A 37 -2.48 29.79 18.30
N GLY A 38 -1.65 29.25 17.40
CA GLY A 38 -0.23 29.53 17.25
C GLY A 38 0.67 29.30 18.46
N ASP A 39 0.24 28.43 19.41
CA ASP A 39 0.93 28.16 20.67
C ASP A 39 1.65 26.79 20.82
N ASN A 40 1.78 26.01 19.72
CA ASN A 40 2.39 24.68 19.65
C ASN A 40 1.63 23.64 20.42
N THR A 41 0.33 23.88 20.66
CA THR A 41 -0.53 22.93 21.42
C THR A 41 -1.53 22.20 20.54
N GLY A 42 -1.64 22.61 19.25
CA GLY A 42 -2.57 22.02 18.28
C GLY A 42 -2.29 20.57 17.91
N ALA A 43 -3.28 19.90 17.26
CA ALA A 43 -3.15 18.49 16.82
C ALA A 43 -2.21 18.26 15.61
N LEU A 44 -1.48 17.13 15.61
CA LEU A 44 -0.55 16.72 14.56
C LEU A 44 -1.32 16.09 13.39
N VAL A 45 -0.97 16.47 12.15
CA VAL A 45 -1.62 15.95 10.95
C VAL A 45 -0.60 15.60 9.84
N ALA A 46 -1.04 14.80 8.86
CA ALA A 46 -0.23 14.38 7.72
C ALA A 46 -0.76 15.14 6.51
N VAL A 47 0.12 15.89 5.86
CA VAL A 47 -0.30 16.73 4.73
C VAL A 47 0.41 16.31 3.44
N LYS A 48 -0.39 15.98 2.43
CA LYS A 48 0.13 15.54 1.13
C LYS A 48 0.03 16.64 0.11
N GLN A 49 1.11 16.85 -0.64
CA GLN A 49 1.14 17.83 -1.69
C GLN A 49 1.97 17.42 -2.87
N LEU A 50 1.59 17.91 -4.05
CA LEU A 50 2.34 17.73 -5.28
C LEU A 50 3.58 18.61 -5.24
N GLN A 51 4.69 18.09 -5.73
CA GLN A 51 5.94 18.83 -5.83
C GLN A 51 6.15 19.14 -7.31
N HIS A 52 6.05 18.08 -8.16
CA HIS A 52 6.18 18.16 -9.62
C HIS A 52 4.95 18.83 -10.24
N SER A 53 5.13 19.41 -11.44
CA SER A 53 4.04 20.09 -12.15
C SER A 53 3.98 19.77 -13.64
N GLY A 54 2.78 19.41 -14.08
CA GLY A 54 2.44 19.09 -15.45
C GLY A 54 1.01 18.59 -15.53
N PRO A 55 -0.02 19.49 -15.35
CA PRO A 55 -1.43 19.07 -15.34
C PRO A 55 -1.75 17.74 -16.02
N ASP A 56 -1.80 16.72 -15.15
CA ASP A 56 -2.05 15.29 -15.32
C ASP A 56 -1.90 14.72 -13.92
N GLN A 57 -0.84 15.17 -13.21
CA GLN A 57 -0.54 14.83 -11.81
C GLN A 57 -1.51 15.61 -10.92
N GLN A 58 -1.96 16.81 -11.37
CA GLN A 58 -2.93 17.64 -10.64
C GLN A 58 -4.27 16.92 -10.64
N ARG A 59 -4.61 16.28 -11.77
CA ARG A 59 -5.82 15.49 -11.95
C ARG A 59 -5.71 14.21 -11.14
N ASP A 60 -4.48 13.67 -11.00
CA ASP A 60 -4.20 12.50 -10.18
C ASP A 60 -4.40 12.84 -8.70
N PHE A 61 -3.95 14.04 -8.28
CA PHE A 61 -4.09 14.54 -6.92
C PHE A 61 -5.55 14.79 -6.53
N GLN A 62 -6.34 15.41 -7.43
CA GLN A 62 -7.77 15.62 -7.22
C GLN A 62 -8.52 14.28 -7.14
N ARG A 63 -8.10 13.28 -7.96
CA ARG A 63 -8.69 11.93 -7.95
C ARG A 63 -8.43 11.31 -6.57
N GLU A 64 -7.17 11.38 -6.11
CA GLU A 64 -6.73 10.86 -4.82
C GLU A 64 -7.58 11.43 -3.70
N ILE A 65 -7.79 12.77 -3.69
CA ILE A 65 -8.59 13.46 -2.69
C ILE A 65 -10.02 12.90 -2.64
N GLN A 66 -10.71 12.91 -3.80
CA GLN A 66 -12.08 12.42 -4.00
C GLN A 66 -12.21 10.95 -3.56
N ILE A 67 -11.20 10.13 -3.86
CA ILE A 67 -11.16 8.70 -3.51
C ILE A 67 -11.11 8.56 -1.98
N LEU A 68 -10.12 9.19 -1.36
CA LEU A 68 -9.98 9.11 0.08
C LEU A 68 -11.14 9.75 0.85
N LYS A 69 -11.73 10.83 0.33
CA LYS A 69 -12.87 11.54 0.94
C LYS A 69 -14.10 10.61 1.05
N ALA A 70 -14.34 9.76 0.01
CA ALA A 70 -15.45 8.79 -0.06
C ALA A 70 -15.12 7.42 0.54
N LEU A 71 -14.17 7.38 1.48
CA LEU A 71 -13.73 6.14 2.13
C LEU A 71 -13.88 6.24 3.61
N HIS A 72 -14.67 5.33 4.19
CA HIS A 72 -14.93 5.37 5.63
C HIS A 72 -14.79 3.98 6.26
N SER A 73 -13.57 3.64 6.67
CA SER A 73 -13.24 2.34 7.25
C SER A 73 -12.20 2.46 8.36
N ASP A 74 -12.31 1.62 9.41
CA ASP A 74 -11.35 1.59 10.51
C ASP A 74 -10.00 1.09 10.01
N PHE A 75 -9.96 0.49 8.79
CA PHE A 75 -8.75 -0.07 8.23
C PHE A 75 -8.22 0.73 7.00
N ILE A 76 -8.67 1.99 6.89
CA ILE A 76 -8.22 2.93 5.87
C ILE A 76 -7.87 4.27 6.56
N VAL A 77 -6.69 4.80 6.26
CA VAL A 77 -6.20 6.08 6.81
C VAL A 77 -7.31 7.12 6.66
N LYS A 78 -7.56 7.88 7.74
CA LYS A 78 -8.63 8.87 7.78
C LYS A 78 -8.30 10.17 7.05
N TYR A 79 -9.25 10.66 6.25
CA TYR A 79 -9.27 11.94 5.53
C TYR A 79 -9.66 12.99 6.57
N ARG A 80 -8.98 14.14 6.64
CA ARG A 80 -9.32 15.19 7.62
C ARG A 80 -9.97 16.38 6.94
N GLY A 81 -9.53 16.65 5.73
CA GLY A 81 -10.04 17.74 4.91
C GLY A 81 -8.98 18.21 3.95
N VAL A 82 -9.21 19.38 3.35
CA VAL A 82 -8.26 19.97 2.41
C VAL A 82 -7.75 21.27 2.96
N SER A 83 -6.66 21.76 2.38
CA SER A 83 -6.07 23.02 2.79
C SER A 83 -6.49 24.18 1.89
N TYR A 84 -6.66 25.35 2.54
CA TYR A 84 -7.04 26.64 1.97
C TYR A 84 -5.98 27.67 2.31
N GLY A 85 -5.37 28.27 1.29
CA GLY A 85 -4.38 29.32 1.47
C GLY A 85 -4.38 30.32 0.34
N PRO A 86 -3.35 31.20 0.22
CA PRO A 86 -3.30 32.11 -0.95
C PRO A 86 -2.95 31.30 -2.21
N GLY A 87 -4.00 30.68 -2.78
CA GLY A 87 -3.96 29.79 -3.93
C GLY A 87 -3.90 30.46 -5.28
N ARG A 88 -4.26 29.75 -6.40
CA ARG A 88 -4.75 28.36 -6.46
C ARG A 88 -3.64 27.29 -6.34
N GLN A 89 -2.39 27.73 -6.08
CA GLN A 89 -1.20 26.88 -5.90
C GLN A 89 -1.07 26.38 -4.43
N SER A 90 -1.22 25.08 -4.16
CA SER A 90 -1.54 24.03 -5.14
C SER A 90 -2.65 23.12 -4.55
N LEU A 91 -3.15 23.47 -3.33
CA LEU A 91 -4.12 22.75 -2.51
C LEU A 91 -3.43 21.51 -1.90
N ARG A 92 -3.73 21.22 -0.63
CA ARG A 92 -3.10 20.08 0.04
C ARG A 92 -4.12 19.19 0.68
N LEU A 93 -3.83 17.89 0.69
CA LEU A 93 -4.66 16.85 1.29
C LEU A 93 -4.24 16.65 2.78
N VAL A 94 -5.18 16.93 3.68
CA VAL A 94 -4.94 16.78 5.11
C VAL A 94 -5.54 15.44 5.55
N MET A 95 -4.70 14.59 6.18
CA MET A 95 -5.03 13.27 6.70
C MET A 95 -4.57 13.19 8.13
N GLU A 96 -4.96 12.10 8.81
CA GLU A 96 -4.53 11.85 10.19
C GLU A 96 -3.06 11.41 10.20
N TYR A 97 -2.39 11.65 11.34
CA TYR A 97 -1.02 11.27 11.58
C TYR A 97 -1.04 10.04 12.48
N LEU A 98 -0.26 9.02 12.11
CA LEU A 98 -0.15 7.79 12.91
C LEU A 98 1.27 7.76 13.50
N PRO A 99 1.45 8.20 14.77
CA PRO A 99 2.84 8.32 15.31
C PRO A 99 3.71 7.08 15.17
N SER A 100 3.14 5.84 15.21
CA SER A 100 3.90 4.60 15.00
C SER A 100 4.58 4.49 13.62
N GLY A 101 4.04 5.18 12.61
CA GLY A 101 4.57 5.16 11.25
C GLY A 101 4.26 3.88 10.48
N CYS A 102 4.98 3.64 9.37
CA CYS A 102 4.72 2.46 8.55
C CYS A 102 5.01 1.15 9.27
N LEU A 103 4.26 0.10 8.90
CA LEU A 103 4.38 -1.25 9.41
C LEU A 103 5.74 -1.87 8.99
N ARG A 104 6.32 -1.43 7.83
CA ARG A 104 7.65 -1.91 7.41
C ARG A 104 8.68 -1.63 8.55
N ASP A 105 8.71 -0.40 9.07
CA ASP A 105 9.59 0.00 10.16
C ASP A 105 9.18 -0.60 11.52
N PHE A 106 7.87 -0.65 11.81
CA PHE A 106 7.32 -1.18 13.06
C PHE A 106 7.71 -2.65 13.25
N LEU A 107 7.57 -3.48 12.17
CA LEU A 107 7.90 -4.92 12.21
C LEU A 107 9.37 -5.16 12.59
N GLN A 108 10.27 -4.29 12.10
CA GLN A 108 11.69 -4.37 12.36
C GLN A 108 12.03 -3.84 13.79
N ARG A 109 11.31 -2.80 14.26
CA ARG A 109 11.56 -2.24 15.58
C ARG A 109 11.03 -3.12 16.70
N HIS A 110 9.99 -3.94 16.43
CA HIS A 110 9.38 -4.82 17.44
C HIS A 110 9.32 -6.32 17.07
N ARG A 111 10.22 -6.81 16.19
CA ARG A 111 10.30 -8.25 15.84
C ARG A 111 9.89 -9.15 17.02
N ALA A 112 10.68 -9.05 18.12
CA ALA A 112 10.68 -9.80 19.36
C ALA A 112 9.34 -9.90 20.11
N ARG A 113 8.48 -8.90 19.98
CA ARG A 113 7.19 -8.91 20.70
C ARG A 113 5.99 -9.28 19.81
N LEU A 114 6.19 -9.33 18.48
CA LEU A 114 5.10 -9.67 17.58
C LEU A 114 5.16 -11.15 17.21
N ASP A 115 4.19 -11.94 17.69
CA ASP A 115 4.10 -13.37 17.43
C ASP A 115 3.22 -13.61 16.19
N ALA A 116 3.02 -14.89 15.80
CA ALA A 116 2.19 -15.27 14.63
C ALA A 116 0.71 -14.84 14.74
N SER A 117 0.11 -14.81 15.96
CA SER A 117 -1.30 -14.42 16.10
C SER A 117 -1.47 -12.94 15.78
N ARG A 118 -0.51 -12.09 16.26
CA ARG A 118 -0.45 -10.65 16.00
C ARG A 118 -0.27 -10.38 14.51
N LEU A 119 0.66 -11.11 13.85
CA LEU A 119 0.88 -10.95 12.41
C LEU A 119 -0.39 -11.25 11.61
N LEU A 120 -1.17 -12.24 12.08
CA LEU A 120 -2.43 -12.71 11.49
C LEU A 120 -3.56 -11.71 11.74
N LEU A 121 -3.53 -11.05 12.90
CA LEU A 121 -4.46 -9.98 13.24
C LEU A 121 -4.25 -8.81 12.22
N TYR A 122 -2.98 -8.40 12.00
CA TYR A 122 -2.64 -7.36 11.00
C TYR A 122 -3.15 -7.79 9.59
N SER A 123 -2.84 -9.06 9.18
CA SER A 123 -3.23 -9.68 7.92
C SER A 123 -4.74 -9.63 7.71
N SER A 124 -5.50 -10.00 8.77
CA SER A 124 -6.95 -10.00 8.81
C SER A 124 -7.51 -8.59 8.59
N GLN A 125 -6.87 -7.58 9.22
CA GLN A 125 -7.25 -6.16 9.15
C GLN A 125 -6.95 -5.56 7.81
N ILE A 126 -5.77 -5.89 7.23
CA ILE A 126 -5.38 -5.36 5.92
C ILE A 126 -6.42 -5.89 4.93
N CYS A 127 -6.73 -7.19 5.07
CA CYS A 127 -7.70 -7.90 4.27
C CYS A 127 -9.08 -7.20 4.29
N LYS A 128 -9.63 -6.95 5.51
CA LYS A 128 -10.91 -6.28 5.67
C LYS A 128 -10.89 -4.93 4.94
N GLY A 129 -9.82 -4.14 5.12
CA GLY A 129 -9.64 -2.88 4.41
C GLY A 129 -9.57 -3.04 2.89
N MET A 130 -9.00 -4.17 2.41
CA MET A 130 -8.92 -4.41 0.97
C MET A 130 -10.29 -4.76 0.37
N GLU A 131 -11.10 -5.56 1.13
CA GLU A 131 -12.49 -5.96 0.85
C GLU A 131 -13.30 -4.68 0.64
N TYR A 132 -13.23 -3.75 1.60
CA TYR A 132 -13.92 -2.47 1.52
C TYR A 132 -13.44 -1.63 0.30
N LEU A 133 -12.14 -1.63 -0.04
CA LEU A 133 -11.65 -0.91 -1.24
C LEU A 133 -12.27 -1.50 -2.53
N GLY A 134 -12.32 -2.84 -2.60
CA GLY A 134 -12.92 -3.54 -3.73
C GLY A 134 -14.38 -3.22 -3.90
N SER A 135 -15.14 -3.22 -2.77
CA SER A 135 -16.55 -2.89 -2.73
C SER A 135 -16.83 -1.44 -3.25
N ARG A 136 -15.82 -0.55 -3.14
CA ARG A 136 -15.94 0.84 -3.63
C ARG A 136 -15.44 0.98 -5.05
N ARG A 137 -15.05 -0.16 -5.70
CA ARG A 137 -14.51 -0.24 -7.07
C ARG A 137 -13.07 0.32 -7.18
N CYS A 138 -12.42 0.57 -6.03
CA CYS A 138 -11.09 1.13 -5.96
C CYS A 138 -10.09 0.01 -6.01
N VAL A 139 -9.05 0.19 -6.87
CA VAL A 139 -7.88 -0.67 -7.01
C VAL A 139 -6.75 0.18 -6.41
N HIS A 140 -6.03 -0.34 -5.40
CA HIS A 140 -4.96 0.37 -4.71
C HIS A 140 -3.65 0.55 -5.55
N ARG A 141 -3.21 -0.51 -6.26
CA ARG A 141 -1.99 -0.58 -7.12
C ARG A 141 -0.68 -0.39 -6.34
N ASP A 142 -0.75 -0.23 -5.00
CA ASP A 142 0.49 -0.05 -4.23
C ASP A 142 0.47 -0.72 -2.88
N LEU A 143 -0.19 -1.89 -2.78
CA LEU A 143 -0.23 -2.62 -1.52
C LEU A 143 1.14 -3.21 -1.24
N ALA A 144 1.75 -2.72 -0.15
CA ALA A 144 3.06 -3.08 0.41
C ALA A 144 3.07 -2.65 1.90
N ALA A 145 3.95 -3.28 2.74
CA ALA A 145 4.07 -2.98 4.17
C ALA A 145 4.48 -1.54 4.41
N ARG A 146 5.24 -0.97 3.43
CA ARG A 146 5.70 0.42 3.51
C ARG A 146 4.52 1.41 3.45
N ASN A 147 3.39 1.03 2.78
CA ASN A 147 2.18 1.85 2.59
C ASN A 147 1.04 1.60 3.58
N ILE A 148 1.37 0.87 4.65
CA ILE A 148 0.44 0.50 5.72
C ILE A 148 0.91 1.12 7.04
N LEU A 149 -0.02 1.74 7.79
CA LEU A 149 0.28 2.44 9.04
C LEU A 149 -0.29 1.76 10.27
N VAL A 150 0.49 1.83 11.36
CA VAL A 150 0.14 1.26 12.64
C VAL A 150 -0.54 2.35 13.46
N GLU A 151 -1.83 2.13 13.78
CA GLU A 151 -2.63 3.06 14.56
C GLU A 151 -2.39 2.75 16.02
N SER A 152 -2.12 1.47 16.32
CA SER A 152 -1.90 0.92 17.66
C SER A 152 -1.24 -0.44 17.54
N GLU A 153 -0.91 -1.05 18.69
CA GLU A 153 -0.31 -2.37 18.87
C GLU A 153 -1.18 -3.45 18.17
N ALA A 154 -2.53 -3.33 18.24
CA ALA A 154 -3.47 -4.26 17.62
C ALA A 154 -4.31 -3.64 16.50
N HIS A 155 -3.81 -2.59 15.85
CA HIS A 155 -4.61 -1.96 14.81
C HIS A 155 -3.77 -1.37 13.67
N VAL A 156 -4.00 -1.87 12.43
CA VAL A 156 -3.33 -1.36 11.21
C VAL A 156 -4.34 -0.71 10.24
N LYS A 157 -3.84 0.15 9.32
CA LYS A 157 -4.65 0.88 8.33
C LYS A 157 -3.93 0.97 6.99
N ILE A 158 -4.70 0.89 5.89
CA ILE A 158 -4.11 1.03 4.54
C ILE A 158 -3.95 2.50 4.24
N ALA A 159 -2.89 2.87 3.54
CA ALA A 159 -2.63 4.28 3.16
C ALA A 159 -1.94 4.37 1.78
N ASP A 160 -1.50 5.59 1.37
CA ASP A 160 -0.88 5.90 0.08
C ASP A 160 -1.80 5.59 -1.10
N PHE A 161 -2.73 6.54 -1.39
CA PHE A 161 -3.73 6.38 -2.44
C PHE A 161 -3.38 7.12 -3.74
N GLY A 162 -2.11 7.47 -3.91
CA GLY A 162 -1.63 8.21 -5.08
C GLY A 162 -1.72 7.48 -6.41
N LEU A 163 -1.72 6.14 -6.39
CA LEU A 163 -1.78 5.32 -7.60
C LEU A 163 -3.14 4.67 -7.78
N ALA A 164 -4.03 4.83 -6.79
CA ALA A 164 -5.37 4.27 -6.76
C ALA A 164 -6.23 4.78 -7.91
N LYS A 165 -6.92 3.83 -8.61
CA LYS A 165 -7.83 4.11 -9.72
C LYS A 165 -9.20 3.54 -9.39
N LEU A 166 -10.25 4.19 -9.88
CA LEU A 166 -11.60 3.68 -9.69
C LEU A 166 -11.95 2.85 -10.92
N LEU A 167 -12.63 1.72 -10.70
CA LEU A 167 -13.02 0.90 -11.82
C LEU A 167 -14.35 1.40 -12.38
N PRO A 168 -14.46 1.53 -13.71
CA PRO A 168 -15.78 1.89 -14.30
C PRO A 168 -16.80 0.76 -14.02
N LEU A 169 -18.11 1.03 -14.24
CA LEU A 169 -19.14 0.06 -13.89
C LEU A 169 -19.18 -1.15 -14.82
N ASP A 170 -18.75 -0.95 -16.07
CA ASP A 170 -18.71 -1.94 -17.15
C ASP A 170 -17.46 -2.82 -17.12
N LYS A 171 -16.40 -2.41 -16.38
CA LYS A 171 -15.13 -3.12 -16.36
C LYS A 171 -14.73 -3.68 -15.00
N ASP A 172 -13.82 -4.68 -15.01
CA ASP A 172 -13.28 -5.40 -13.85
C ASP A 172 -11.77 -5.20 -13.68
N TYR A 173 -11.14 -4.54 -14.64
CA TYR A 173 -9.72 -4.26 -14.67
C TYR A 173 -9.50 -2.83 -15.15
N TYR A 174 -8.25 -2.38 -15.08
CA TYR A 174 -7.82 -1.05 -15.52
C TYR A 174 -6.45 -1.24 -16.16
N VAL A 175 -6.33 -0.75 -17.40
CA VAL A 175 -5.07 -0.82 -18.15
C VAL A 175 -4.42 0.55 -18.05
N VAL A 176 -3.33 0.61 -17.29
CA VAL A 176 -2.55 1.82 -17.02
C VAL A 176 -1.58 2.06 -18.17
N ARG A 177 -1.74 3.23 -18.83
CA ARG A 177 -0.95 3.66 -19.99
C ARG A 177 0.52 3.94 -19.66
N GLU A 178 0.78 4.47 -18.45
CA GLU A 178 2.06 4.92 -17.86
C GLU A 178 3.38 4.28 -18.52
N PRO A 179 4.11 3.21 -18.08
CA PRO A 179 3.88 2.21 -17.02
C PRO A 179 4.55 2.48 -15.63
N GLY A 180 4.67 1.40 -14.86
CA GLY A 180 5.11 1.34 -13.47
C GLY A 180 6.37 2.05 -13.04
N GLN A 181 6.32 2.61 -11.81
CA GLN A 181 7.46 3.31 -11.19
C GLN A 181 7.64 2.91 -9.70
N SER A 182 7.20 1.68 -9.36
CA SER A 182 7.31 1.08 -8.02
C SER A 182 8.17 -0.20 -8.09
N PRO A 183 8.77 -0.70 -6.95
CA PRO A 183 9.55 -1.95 -7.03
C PRO A 183 8.73 -3.11 -7.61
N ILE A 184 9.29 -3.77 -8.62
CA ILE A 184 8.62 -4.76 -9.44
C ILE A 184 8.18 -6.02 -8.68
N PHE A 185 8.70 -6.22 -7.47
CA PHE A 185 8.50 -7.43 -6.68
C PHE A 185 7.11 -7.54 -6.01
N TRP A 186 6.28 -6.50 -6.16
CA TRP A 186 4.93 -6.51 -5.58
C TRP A 186 3.86 -6.65 -6.68
N TYR A 187 4.23 -6.35 -7.95
CA TYR A 187 3.29 -6.43 -9.09
C TYR A 187 2.91 -7.87 -9.45
N ALA A 188 1.69 -8.03 -9.97
CA ALA A 188 1.17 -9.32 -10.46
C ALA A 188 1.78 -9.54 -11.85
N PRO A 189 1.84 -10.80 -12.36
CA PRO A 189 2.45 -11.02 -13.68
C PRO A 189 1.76 -10.28 -14.81
N GLU A 190 0.42 -10.15 -14.75
CA GLU A 190 -0.36 -9.45 -15.77
C GLU A 190 -0.11 -7.93 -15.76
N SER A 191 0.31 -7.35 -14.60
CA SER A 191 0.64 -5.92 -14.50
C SER A 191 2.04 -5.75 -15.05
N LEU A 192 2.92 -6.74 -14.79
CA LEU A 192 4.29 -6.75 -15.27
C LEU A 192 4.38 -6.84 -16.79
N SER A 193 3.46 -7.56 -17.44
CA SER A 193 3.52 -7.73 -18.89
C SER A 193 2.63 -6.78 -19.68
N ASP A 194 1.38 -6.58 -19.24
CA ASP A 194 0.44 -5.76 -20.00
C ASP A 194 -0.12 -4.58 -19.25
N ASN A 195 0.40 -4.30 -18.04
CA ASN A 195 -0.05 -3.20 -17.16
C ASN A 195 -1.53 -3.33 -16.79
N ILE A 196 -2.01 -4.57 -16.59
CA ILE A 196 -3.42 -4.82 -16.28
C ILE A 196 -3.60 -4.94 -14.78
N PHE A 197 -4.19 -3.90 -14.19
CA PHE A 197 -4.45 -3.81 -12.74
C PHE A 197 -5.92 -4.06 -12.44
N SER A 198 -6.20 -4.82 -11.38
CA SER A 198 -7.56 -5.14 -10.92
C SER A 198 -7.53 -5.51 -9.44
N ARG A 199 -8.71 -5.82 -8.87
CA ARG A 199 -8.84 -6.32 -7.49
C ARG A 199 -7.98 -7.58 -7.32
N GLN A 200 -7.95 -8.46 -8.36
CA GLN A 200 -7.16 -9.69 -8.42
C GLN A 200 -5.66 -9.39 -8.43
N SER A 201 -5.22 -8.22 -8.97
CA SER A 201 -3.78 -7.92 -8.89
C SER A 201 -3.42 -7.41 -7.48
N ASP A 202 -4.39 -6.73 -6.79
CA ASP A 202 -4.22 -6.31 -5.40
C ASP A 202 -4.09 -7.52 -4.49
N VAL A 203 -4.78 -8.63 -4.84
CA VAL A 203 -4.69 -9.89 -4.09
C VAL A 203 -3.28 -10.49 -4.22
N TRP A 204 -2.67 -10.42 -5.44
CA TRP A 204 -1.30 -10.89 -5.70
C TRP A 204 -0.39 -10.15 -4.73
N SER A 205 -0.40 -8.80 -4.80
CA SER A 205 0.35 -7.91 -3.91
C SER A 205 0.10 -8.25 -2.44
N PHE A 206 -1.17 -8.52 -2.05
CA PHE A 206 -1.49 -8.91 -0.67
C PHE A 206 -0.67 -10.11 -0.17
N GLY A 207 -0.45 -11.10 -1.05
CA GLY A 207 0.36 -12.28 -0.76
C GLY A 207 1.79 -11.89 -0.48
N VAL A 208 2.29 -10.83 -1.18
CA VAL A 208 3.63 -10.30 -0.98
C VAL A 208 3.67 -9.57 0.38
N VAL A 209 2.56 -8.89 0.75
CA VAL A 209 2.40 -8.23 2.06
C VAL A 209 2.41 -9.30 3.17
N LEU A 210 1.76 -10.47 2.92
CA LEU A 210 1.77 -11.61 3.86
C LEU A 210 3.22 -12.11 4.08
N TYR A 211 4.00 -12.20 2.97
CA TYR A 211 5.39 -12.60 2.99
C TYR A 211 6.21 -11.57 3.83
N GLU A 212 6.02 -10.25 3.56
CA GLU A 212 6.66 -9.12 4.27
C GLU A 212 6.38 -9.16 5.75
N LEU A 213 5.13 -9.46 6.15
CA LEU A 213 4.73 -9.50 7.56
C LEU A 213 5.46 -10.63 8.30
N PHE A 214 5.47 -11.86 7.67
CA PHE A 214 6.01 -13.10 8.22
C PHE A 214 7.56 -13.17 8.15
N THR A 215 8.21 -12.24 7.43
CA THR A 215 9.66 -12.08 7.44
C THR A 215 9.99 -10.82 8.27
N TYR A 216 9.03 -10.32 9.08
CA TYR A 216 9.14 -9.08 9.90
C TYR A 216 9.87 -7.94 9.16
N CYS A 217 9.66 -7.89 7.84
CA CYS A 217 10.27 -6.95 6.89
C CYS A 217 11.80 -6.89 6.99
N ASP A 218 12.47 -8.05 7.32
CA ASP A 218 13.93 -8.19 7.38
C ASP A 218 14.46 -7.89 5.99
N LYS A 219 15.50 -7.06 5.88
CA LYS A 219 16.03 -6.63 4.59
C LYS A 219 16.74 -7.73 3.78
N SER A 220 17.29 -8.76 4.45
CA SER A 220 18.09 -9.78 3.78
C SER A 220 17.26 -10.88 3.11
N CYS A 221 15.99 -11.02 3.49
CA CYS A 221 15.11 -12.01 2.87
C CYS A 221 13.83 -11.33 2.31
N SER A 222 13.92 -9.99 2.10
CA SER A 222 12.87 -9.13 1.58
C SER A 222 12.47 -9.54 0.16
N PRO A 223 11.29 -9.11 -0.37
CA PRO A 223 10.91 -9.51 -1.74
C PRO A 223 11.99 -9.21 -2.80
N SER A 224 12.67 -8.05 -2.72
CA SER A 224 13.79 -7.70 -3.62
C SER A 224 14.97 -8.64 -3.45
N ALA A 225 15.51 -8.72 -2.21
CA ALA A 225 16.68 -9.55 -1.88
C ALA A 225 16.52 -11.01 -2.37
N GLU A 226 15.38 -11.66 -2.04
CA GLU A 226 15.19 -13.07 -2.41
C GLU A 226 14.91 -13.28 -3.89
N PHE A 227 14.15 -12.39 -4.56
CA PHE A 227 13.89 -12.51 -6.00
C PHE A 227 15.17 -12.25 -6.82
N LEU A 228 16.00 -11.30 -6.39
CA LEU A 228 17.27 -10.99 -7.04
C LEU A 228 18.25 -12.16 -7.00
N ARG A 229 18.21 -12.99 -5.92
CA ARG A 229 19.08 -14.15 -5.75
C ARG A 229 18.59 -15.30 -6.61
N MET A 230 17.26 -15.55 -6.64
CA MET A 230 16.72 -16.65 -7.43
C MET A 230 16.52 -16.27 -8.91
N MET A 231 16.63 -14.97 -9.26
CA MET A 231 16.51 -14.48 -10.63
C MET A 231 17.79 -14.82 -11.39
N GLY A 232 18.92 -14.44 -10.80
CA GLY A 232 20.24 -14.62 -11.37
C GLY A 232 20.63 -13.46 -12.26
N SER A 233 21.77 -13.60 -12.96
CA SER A 233 22.24 -12.57 -13.89
C SER A 233 22.45 -13.12 -15.28
N GLU A 234 21.52 -12.74 -16.15
CA GLU A 234 21.36 -12.99 -17.58
C GLU A 234 22.35 -12.12 -18.37
N ARG A 235 22.52 -12.37 -19.68
CA ARG A 235 23.46 -11.55 -20.45
C ARG A 235 22.81 -10.22 -20.90
N ASP A 236 21.83 -10.27 -21.81
CA ASP A 236 21.17 -9.06 -22.32
C ASP A 236 19.66 -9.10 -22.15
N VAL A 237 19.19 -9.61 -20.98
CA VAL A 237 17.76 -9.72 -20.65
C VAL A 237 17.44 -8.75 -19.48
N PRO A 238 16.49 -7.80 -19.64
CA PRO A 238 16.20 -6.90 -18.51
C PRO A 238 15.57 -7.60 -17.30
N ALA A 239 15.95 -7.18 -16.08
CA ALA A 239 15.50 -7.69 -14.79
C ALA A 239 14.00 -8.04 -14.70
N LEU A 240 13.13 -7.17 -15.27
CA LEU A 240 11.67 -7.35 -15.29
C LEU A 240 11.29 -8.59 -16.08
N SER A 241 11.94 -8.79 -17.25
CA SER A 241 11.70 -9.92 -18.13
C SER A 241 12.09 -11.24 -17.43
N ARG A 242 13.24 -11.25 -16.73
CA ARG A 242 13.73 -12.41 -15.96
C ARG A 242 12.74 -12.79 -14.83
N LEU A 243 12.23 -11.80 -14.09
CA LEU A 243 11.27 -12.00 -13.00
C LEU A 243 10.03 -12.63 -13.57
N LEU A 244 9.58 -12.10 -14.72
CA LEU A 244 8.43 -12.59 -15.45
C LEU A 244 8.63 -14.04 -15.94
N GLU A 245 9.84 -14.36 -16.46
CA GLU A 245 10.19 -15.73 -16.88
C GLU A 245 10.12 -16.67 -15.66
N LEU A 246 10.56 -16.16 -14.49
CA LEU A 246 10.59 -16.87 -13.23
C LEU A 246 9.18 -17.20 -12.73
N LEU A 247 8.31 -16.19 -12.72
CA LEU A 247 6.93 -16.33 -12.26
C LEU A 247 6.10 -17.24 -13.21
N GLU A 248 6.26 -17.08 -14.56
CA GLU A 248 5.59 -17.88 -15.60
C GLU A 248 5.95 -19.39 -15.47
N GLU A 249 7.21 -19.66 -15.04
CA GLU A 249 7.78 -21.00 -14.79
C GLU A 249 7.23 -21.59 -13.49
N GLY A 250 6.45 -20.80 -12.77
CA GLY A 250 5.85 -21.23 -11.51
C GLY A 250 6.72 -21.04 -10.29
N GLN A 251 7.94 -20.47 -10.46
CA GLN A 251 8.81 -20.17 -9.32
C GLN A 251 8.19 -19.08 -8.48
N ARG A 252 8.28 -19.23 -7.17
CA ARG A 252 7.70 -18.30 -6.23
C ARG A 252 8.65 -17.99 -5.11
N LEU A 253 8.52 -16.83 -4.51
CA LEU A 253 9.13 -16.57 -3.22
C LEU A 253 8.96 -17.75 -2.27
N PRO A 254 10.02 -17.99 -1.39
CA PRO A 254 9.93 -19.25 -0.66
C PRO A 254 9.49 -19.01 0.77
N ALA A 255 9.12 -20.04 1.51
CA ALA A 255 8.30 -19.75 2.69
C ALA A 255 9.22 -18.98 3.66
N PRO A 256 8.76 -17.91 4.32
CA PRO A 256 9.64 -17.20 5.26
C PRO A 256 10.11 -18.10 6.41
N PRO A 257 11.31 -17.89 7.00
CA PRO A 257 11.73 -18.73 8.12
C PRO A 257 10.71 -18.76 9.28
N ALA A 258 10.39 -19.98 9.80
CA ALA A 258 9.44 -20.29 10.89
C ALA A 258 7.96 -19.97 10.58
N CYS A 259 7.66 -19.62 9.32
CA CYS A 259 6.32 -19.32 8.86
C CYS A 259 5.40 -20.52 9.01
N PRO A 260 4.19 -20.38 9.61
CA PRO A 260 3.27 -21.52 9.70
C PRO A 260 2.81 -21.95 8.30
N ALA A 261 2.77 -23.26 8.06
CA ALA A 261 2.41 -23.86 6.77
C ALA A 261 1.17 -23.26 6.12
N GLU A 262 0.09 -23.10 6.91
CA GLU A 262 -1.22 -22.55 6.49
C GLU A 262 -1.10 -21.19 5.81
N VAL A 263 -0.30 -20.28 6.39
CA VAL A 263 -0.04 -18.93 5.88
C VAL A 263 0.75 -19.03 4.55
N HIS A 264 1.77 -19.90 4.50
CA HIS A 264 2.51 -20.11 3.25
C HIS A 264 1.57 -20.61 2.12
N GLU A 265 0.66 -21.55 2.42
CA GLU A 265 -0.30 -22.06 1.43
C GLU A 265 -1.21 -20.93 0.91
N LEU A 266 -1.62 -20.02 1.82
CA LEU A 266 -2.43 -18.83 1.56
C LEU A 266 -1.73 -17.86 0.60
N MET A 267 -0.41 -17.60 0.80
CA MET A 267 0.43 -16.78 -0.08
C MET A 267 0.45 -17.41 -1.46
N LYS A 268 0.57 -18.77 -1.51
CA LYS A 268 0.61 -19.50 -2.79
C LYS A 268 -0.69 -19.36 -3.55
N LEU A 269 -1.83 -19.29 -2.84
CA LEU A 269 -3.15 -19.05 -3.45
C LEU A 269 -3.23 -17.62 -4.02
N CYS A 270 -2.72 -16.62 -3.26
CA CYS A 270 -2.67 -15.21 -3.68
C CYS A 270 -1.81 -15.02 -4.93
N TRP A 271 -0.80 -15.88 -5.09
CA TRP A 271 0.13 -15.90 -6.22
C TRP A 271 -0.23 -16.90 -7.33
N ALA A 272 -1.53 -17.29 -7.44
CA ALA A 272 -2.02 -18.18 -8.51
C ALA A 272 -1.66 -17.54 -9.87
N PRO A 273 -1.19 -18.34 -10.86
CA PRO A 273 -0.78 -17.75 -12.16
C PRO A 273 -1.83 -16.86 -12.84
N SER A 274 -3.07 -17.36 -13.05
CA SER A 274 -4.12 -16.55 -13.70
C SER A 274 -4.98 -15.81 -12.65
N PRO A 275 -5.35 -14.53 -12.92
CA PRO A 275 -6.13 -13.75 -11.93
C PRO A 275 -7.42 -14.40 -11.40
N GLN A 276 -8.16 -15.11 -12.25
CA GLN A 276 -9.42 -15.77 -11.89
C GLN A 276 -9.27 -16.87 -10.82
N ASP A 277 -8.06 -17.41 -10.63
CA ASP A 277 -7.80 -18.50 -9.69
C ASP A 277 -7.36 -18.01 -8.31
N ARG A 278 -7.07 -16.70 -8.22
CA ARG A 278 -6.68 -16.00 -6.99
C ARG A 278 -7.93 -15.80 -6.16
N PRO A 279 -7.90 -16.10 -4.85
CA PRO A 279 -9.12 -15.91 -4.04
C PRO A 279 -9.50 -14.44 -3.89
N SER A 280 -10.78 -14.16 -3.58
CA SER A 280 -11.20 -12.80 -3.29
C SER A 280 -10.72 -12.46 -1.86
N PHE A 281 -10.66 -11.15 -1.56
CA PHE A 281 -10.34 -10.66 -0.22
C PHE A 281 -11.41 -11.18 0.78
N SER A 282 -12.71 -11.14 0.40
CA SER A 282 -13.79 -11.72 1.20
C SER A 282 -13.63 -13.24 1.47
N ALA A 283 -12.94 -13.99 0.57
CA ALA A 283 -12.66 -15.43 0.75
C ALA A 283 -11.48 -15.60 1.73
N LEU A 284 -10.44 -14.74 1.59
CA LEU A 284 -9.25 -14.72 2.43
C LEU A 284 -9.56 -14.33 3.87
N GLY A 285 -10.52 -13.40 4.03
CA GLY A 285 -10.98 -12.86 5.31
C GLY A 285 -11.21 -13.90 6.40
N PRO A 286 -12.22 -14.81 6.20
CA PRO A 286 -12.51 -15.82 7.23
C PRO A 286 -11.39 -16.82 7.46
N GLN A 287 -10.60 -17.11 6.39
CA GLN A 287 -9.42 -18.01 6.42
C GLN A 287 -8.45 -17.48 7.47
N LEU A 288 -8.07 -16.19 7.34
CA LEU A 288 -7.17 -15.49 8.25
C LEU A 288 -7.71 -15.43 9.66
N ASP A 289 -9.02 -15.16 9.81
CA ASP A 289 -9.69 -15.13 11.12
C ASP A 289 -9.59 -16.52 11.79
N MET A 290 -9.85 -17.61 11.02
CA MET A 290 -9.75 -18.97 11.52
C MET A 290 -8.34 -19.28 12.11
N LEU A 291 -7.25 -18.92 11.36
CA LEU A 291 -5.84 -19.10 11.78
C LEU A 291 -5.48 -18.25 13.02
N TRP A 292 -6.27 -17.15 13.28
CA TRP A 292 -6.30 -16.16 14.39
C TRP A 292 -5.50 -14.88 14.13
C1 3QX B . 0.60 9.10 6.81
C2 3QX B . 0.25 9.26 8.17
N3 3QX B . 1.06 9.02 9.23
N4 3QX B . 2.36 8.65 8.89
C5 3QX B . 2.83 8.51 7.60
C6 3QX B . 1.93 8.71 6.51
C7 3QX B . 3.37 8.41 9.80
C8 3QX B . 4.50 8.16 9.10
C9 3QX B . 4.18 8.22 7.71
C10 3QX B . -0.41 9.32 5.73
N11 3QX B . -1.62 9.78 6.08
O12 3QX B . -0.11 9.10 4.55
N13 3QX B . 2.32 8.52 5.18
C14 3QX B . 3.34 7.63 4.64
C15 3QX B . 4.34 8.44 3.82
C16 3QX B . 5.01 7.45 2.89
C17 3QX B . 3.99 6.34 2.66
C18 3QX B . 2.79 6.66 3.54
C19 3QX B . 2.16 5.40 4.15
F20 3QX B . 1.84 7.35 2.78
#